data_8X3E
#
_entry.id   8X3E
#
_cell.length_a   196.824
_cell.length_b   196.824
_cell.length_c   196.824
_cell.angle_alpha   90.00
_cell.angle_beta   90.00
_cell.angle_gamma   90.00
#
_symmetry.space_group_name_H-M   'I 4 3 2'
#
loop_
_entity.id
_entity.type
_entity.pdbx_description
1 polymer 'Taxadiene 5-alpha hydroxylase'
2 non-polymer (1~{R},3~{R},8~{R})-4,8,12,15,15-pentamethyltricyclo[9.3.1.0^{3,8}]pentadeca-4,11-diene
3 non-polymer 'PROTOPORPHYRIN IX CONTAINING FE'
4 water water
#
_entity_poly.entity_id   1
_entity_poly.type   'polypeptide(L)'
_entity_poly.pdbx_seq_one_letter_code
;NSLEQFFDERVKKFGLVFKTSLIGHPTVVLCGPAGNRLILSNEEKLVQMSWPAQFMKLMGENSVATRRGEDHIVMRSALA
GFFGPGALQSYIGKMNTEIQSHINEKWKGKDEVNVLPLVRELVFNISAILFFNIYDKQEQDRLHKLLETILVGSFALPID
LPGFGFHRALQGRAKLNKIMLSLIKKRKEDLQSGSATATQDLLSVLLTFRDDKGTPLTNDEILDNFSSLLHASYDTTTSP
MALIFKLLSSNPECYQKVVQEQLEILSNKEEGEEITWKDLKAMKYTWQVAQETLRMFPPVFGTFRKAITDIQYDGYTIPK
GWKLLWTTYSTHPKDLYFNEPEKFMPSRFDQEGKHVAPYTFLPFGGGQRSCVGWEFSKMEILLFVHHFVKTFSSYTPVDP
DEKISGDPLPPLPSKGFSIKLFPR
;
_entity_poly.pdbx_strand_id   A
#
loop_
_chem_comp.id
_chem_comp.type
_chem_comp.name
_chem_comp.formula
A1L3H non-polymer (1~{R},3~{R},8~{R})-4,8,12,15,15-pentamethyltricyclo[9.3.1.0^{3,8}]pentadeca-4,11-diene 'C20 H32'
HEM non-polymer 'PROTOPORPHYRIN IX CONTAINING FE' 'C34 H32 Fe N4 O4'
#
# COMPACT_ATOMS: atom_id res chain seq x y z
N ASN A 1 -0.62 -2.14 22.52
CA ASN A 1 0.51 -1.18 22.39
C ASN A 1 -0.04 0.21 22.07
N SER A 2 0.84 1.15 21.72
CA SER A 2 0.40 2.54 21.45
C SER A 2 1.18 3.11 20.25
N LEU A 3 0.95 2.56 19.06
CA LEU A 3 1.65 3.06 17.84
C LEU A 3 1.27 4.52 17.60
N GLU A 4 -0.02 4.84 17.64
CA GLU A 4 -0.49 6.24 17.43
C GLU A 4 0.17 7.16 18.45
N GLN A 5 0.67 6.58 19.55
CA GLN A 5 1.31 7.39 20.62
C GLN A 5 2.83 7.43 20.43
N PHE A 6 3.48 6.27 20.35
CA PHE A 6 4.96 6.25 20.24
C PHE A 6 5.39 5.15 19.26
N PHE A 7 6.61 5.27 18.71
CA PHE A 7 7.16 4.24 17.80
C PHE A 7 8.63 4.00 18.14
N ASP A 8 9.16 2.83 17.77
CA ASP A 8 10.60 2.52 18.02
C ASP A 8 10.81 2.24 19.51
N GLU A 9 9.85 1.57 20.15
CA GLU A 9 9.98 1.21 21.60
C GLU A 9 10.88 -0.03 21.70
N ARG A 10 12.20 0.17 21.72
CA ARG A 10 13.15 -0.98 21.78
C ARG A 10 13.54 -1.25 23.23
N VAL A 11 14.32 -2.31 23.48
CA VAL A 11 14.68 -2.70 24.88
C VAL A 11 16.15 -3.14 24.95
N LYS A 12 17.08 -2.20 25.14
CA LYS A 12 18.52 -2.52 25.29
C LYS A 12 18.68 -3.53 26.42
N LYS A 13 17.62 -3.69 27.23
CA LYS A 13 17.66 -4.69 28.33
C LYS A 13 17.75 -6.09 27.75
N PHE A 14 17.33 -6.25 26.49
CA PHE A 14 17.33 -7.60 25.86
C PHE A 14 18.06 -7.52 24.50
N GLY A 15 18.36 -8.67 23.90
CA GLY A 15 19.00 -8.67 22.58
C GLY A 15 18.00 -8.31 21.48
N LEU A 16 18.46 -8.19 20.24
CA LEU A 16 17.53 -7.92 19.11
C LEU A 16 16.43 -8.98 19.12
N VAL A 17 16.75 -10.19 19.59
CA VAL A 17 15.73 -11.29 19.65
C VAL A 17 15.06 -11.25 21.02
N PHE A 18 14.04 -10.41 21.18
CA PHE A 18 13.37 -10.27 22.51
C PHE A 18 11.95 -10.84 22.46
N LYS A 19 11.60 -11.66 23.44
CA LYS A 19 10.25 -12.28 23.50
C LYS A 19 9.28 -11.33 24.22
N THR A 20 7.99 -11.42 23.89
CA THR A 20 6.97 -10.56 24.53
C THR A 20 5.58 -11.20 24.36
N SER A 21 4.57 -10.65 25.01
CA SER A 21 3.18 -11.17 24.85
C SER A 21 2.37 -10.18 24.02
N LEU A 22 1.95 -10.60 22.82
CA LEU A 22 1.19 -9.69 21.92
C LEU A 22 -0.11 -10.39 21.50
N ILE A 23 -1.22 -9.66 21.54
CA ILE A 23 -2.54 -10.25 21.15
C ILE A 23 -2.65 -11.64 21.77
N GLY A 24 -2.38 -11.78 23.07
CA GLY A 24 -2.55 -13.07 23.74
C GLY A 24 -1.73 -14.18 23.11
N HIS A 25 -0.63 -13.82 22.46
CA HIS A 25 0.27 -14.85 21.87
C HIS A 25 1.72 -14.56 22.26
N PRO A 26 2.52 -15.57 22.67
CA PRO A 26 3.95 -15.34 22.96
C PRO A 26 4.63 -14.94 21.64
N THR A 27 5.04 -13.68 21.53
CA THR A 27 5.61 -13.19 20.26
C THR A 27 7.09 -12.82 20.44
N VAL A 28 7.98 -13.39 19.64
CA VAL A 28 9.42 -12.99 19.70
C VAL A 28 9.67 -12.02 18.55
N VAL A 29 9.95 -10.75 18.88
CA VAL A 29 10.28 -9.75 17.83
C VAL A 29 11.76 -9.92 17.44
N LEU A 30 12.02 -10.40 16.23
CA LEU A 30 13.42 -10.58 15.75
C LEU A 30 13.89 -9.27 15.11
N CYS A 31 14.40 -8.34 15.93
CA CYS A 31 14.87 -7.04 15.42
C CYS A 31 16.20 -7.22 14.67
N GLY A 32 16.46 -6.37 13.67
CA GLY A 32 17.72 -6.42 12.90
C GLY A 32 17.52 -7.02 11.53
N PRO A 33 18.43 -6.77 10.56
CA PRO A 33 18.32 -7.33 9.21
C PRO A 33 18.27 -8.86 9.19
N ALA A 34 19.10 -9.52 10.02
CA ALA A 34 19.16 -10.99 10.04
C ALA A 34 17.81 -11.56 10.50
N GLY A 35 17.21 -10.97 11.54
CA GLY A 35 15.88 -11.41 11.98
C GLY A 35 14.87 -11.19 10.87
N ASN A 36 14.98 -10.06 10.17
CA ASN A 36 14.09 -9.78 9.02
C ASN A 36 14.29 -10.89 7.98
N ARG A 37 15.55 -11.22 7.67
CA ARG A 37 15.82 -12.31 6.69
C ARG A 37 15.22 -13.61 7.22
N LEU A 38 15.48 -13.96 8.47
CA LEU A 38 14.93 -15.21 9.07
C LEU A 38 13.42 -15.27 8.83
N ILE A 39 12.66 -14.25 9.23
CA ILE A 39 11.18 -14.29 9.14
C ILE A 39 10.71 -14.16 7.68
N LEU A 40 11.25 -13.22 6.91
CA LEU A 40 10.72 -12.95 5.54
C LEU A 40 11.24 -13.95 4.50
N SER A 41 12.40 -14.57 4.73
CA SER A 41 12.98 -15.48 3.71
C SER A 41 12.47 -16.91 3.88
N ASN A 42 12.17 -17.33 5.10
CA ASN A 42 11.77 -18.74 5.35
C ASN A 42 10.25 -18.85 5.55
N GLU A 43 9.48 -18.70 4.46
CA GLU A 43 8.00 -18.84 4.54
C GLU A 43 7.59 -20.25 4.10
N GLU A 44 6.57 -20.82 4.76
CA GLU A 44 6.09 -22.18 4.41
C GLU A 44 7.19 -23.20 4.73
N LYS A 45 8.22 -22.78 5.47
CA LYS A 45 9.34 -23.68 5.83
C LYS A 45 9.50 -23.70 7.35
N LEU A 46 9.78 -22.54 7.95
CA LEU A 46 9.95 -22.45 9.42
C LEU A 46 8.78 -21.65 10.00
N VAL A 47 8.18 -20.77 9.19
CA VAL A 47 7.08 -19.91 9.70
C VAL A 47 5.97 -19.82 8.64
N GLN A 48 4.78 -19.38 9.07
CA GLN A 48 3.64 -19.23 8.13
C GLN A 48 2.88 -17.94 8.50
N MET A 49 2.38 -17.22 7.50
CA MET A 49 1.66 -15.93 7.76
C MET A 49 0.56 -16.16 8.81
N SER A 50 0.48 -15.27 9.80
CA SER A 50 -0.59 -15.37 10.83
C SER A 50 -1.24 -14.00 11.03
N TRP A 51 -2.48 -13.83 10.55
CA TRP A 51 -3.20 -12.55 10.77
C TRP A 51 -4.06 -12.69 12.03
N PRO A 52 -4.24 -11.61 12.83
CA PRO A 52 -5.11 -11.68 14.01
C PRO A 52 -6.51 -12.15 13.57
N ALA A 53 -7.18 -12.92 14.43
CA ALA A 53 -8.51 -13.47 14.08
C ALA A 53 -9.47 -12.34 13.66
N GLN A 54 -9.40 -11.20 14.35
CA GLN A 54 -10.31 -10.06 14.04
C GLN A 54 -10.24 -9.73 12.54
N PHE A 55 -9.02 -9.69 11.98
CA PHE A 55 -8.86 -9.33 10.55
C PHE A 55 -9.34 -10.48 9.68
N MET A 56 -9.16 -11.72 10.15
CA MET A 56 -9.59 -12.92 9.39
C MET A 56 -11.09 -12.81 9.12
N LYS A 57 -11.85 -12.24 10.05
CA LYS A 57 -13.33 -12.18 9.90
C LYS A 57 -13.74 -10.97 9.06
N LEU A 58 -12.83 -10.03 8.82
CA LEU A 58 -13.20 -8.79 8.11
C LEU A 58 -12.89 -8.94 6.61
N MET A 59 -11.74 -9.53 6.26
CA MET A 59 -11.34 -9.64 4.83
C MET A 59 -11.64 -11.05 4.32
N GLY A 60 -11.98 -11.97 5.22
CA GLY A 60 -12.33 -13.35 4.82
C GLY A 60 -11.14 -14.29 4.92
N GLU A 61 -11.37 -15.59 4.76
CA GLU A 61 -10.28 -16.60 4.87
C GLU A 61 -9.92 -17.15 3.48
N ASN A 62 -10.45 -16.53 2.43
CA ASN A 62 -10.21 -17.03 1.04
C ASN A 62 -9.46 -15.96 0.25
N SER A 63 -8.57 -15.21 0.91
CA SER A 63 -7.75 -14.19 0.20
C SER A 63 -6.31 -14.71 0.09
N VAL A 64 -5.49 -14.07 -0.74
CA VAL A 64 -4.06 -14.47 -0.86
C VAL A 64 -3.41 -14.28 0.52
N ALA A 65 -3.87 -13.30 1.28
CA ALA A 65 -3.27 -13.00 2.61
C ALA A 65 -3.66 -14.07 3.63
N THR A 66 -4.88 -14.60 3.56
CA THR A 66 -5.36 -15.56 4.60
C THR A 66 -5.13 -17.01 4.16
N ARG A 67 -4.71 -17.21 2.91
CA ARG A 67 -4.45 -18.59 2.39
C ARG A 67 -2.96 -18.86 2.48
N ARG A 68 -2.59 -20.11 2.79
CA ARG A 68 -1.15 -20.50 2.86
C ARG A 68 -0.90 -21.74 2.02
N GLY A 69 0.36 -22.01 1.68
CA GLY A 69 0.69 -23.22 0.90
C GLY A 69 0.49 -23.02 -0.58
N GLU A 70 0.17 -24.10 -1.30
CA GLU A 70 0.02 -24.03 -2.79
C GLU A 70 -1.07 -23.01 -3.16
N ASP A 71 -2.14 -22.93 -2.38
CA ASP A 71 -3.26 -22.00 -2.69
C ASP A 71 -2.73 -20.57 -2.77
N HIS A 72 -1.96 -20.14 -1.76
CA HIS A 72 -1.38 -18.78 -1.75
C HIS A 72 -0.55 -18.56 -3.02
N ILE A 73 0.19 -19.59 -3.44
CA ILE A 73 1.02 -19.48 -4.68
C ILE A 73 0.10 -19.32 -5.88
N VAL A 74 -0.98 -20.10 -5.94
CA VAL A 74 -1.95 -20.01 -7.07
C VAL A 74 -2.61 -18.63 -7.06
N MET A 75 -2.99 -18.14 -5.88
CA MET A 75 -3.69 -16.83 -5.80
C MET A 75 -2.73 -15.71 -6.23
N ARG A 76 -1.44 -15.84 -5.91
CA ARG A 76 -0.44 -14.82 -6.30
C ARG A 76 -0.20 -14.91 -7.82
N SER A 77 -0.29 -16.11 -8.39
CA SER A 77 -0.16 -16.27 -9.86
C SER A 77 -1.30 -15.54 -10.56
N ALA A 78 -2.53 -15.72 -10.08
CA ALA A 78 -3.70 -15.01 -10.66
C ALA A 78 -3.49 -13.50 -10.56
N LEU A 79 -2.97 -13.03 -9.42
CA LEU A 79 -2.79 -11.56 -9.20
C LEU A 79 -1.65 -11.06 -10.09
N ALA A 80 -0.66 -11.90 -10.35
CA ALA A 80 0.46 -11.51 -11.25
C ALA A 80 -0.10 -11.18 -12.63
N GLY A 81 -1.28 -11.69 -12.95
CA GLY A 81 -1.91 -11.42 -14.26
C GLY A 81 -2.38 -9.98 -14.35
N PHE A 82 -2.32 -9.24 -13.24
CA PHE A 82 -2.78 -7.82 -13.23
C PHE A 82 -1.68 -6.92 -12.66
N PHE A 83 -0.97 -7.41 -11.63
CA PHE A 83 0.06 -6.57 -10.96
C PHE A 83 1.44 -6.84 -11.55
N GLY A 84 1.59 -7.97 -12.26
CA GLY A 84 2.87 -8.27 -12.93
C GLY A 84 3.30 -7.10 -13.79
N PRO A 85 4.61 -6.74 -13.83
CA PRO A 85 5.05 -5.55 -14.58
C PRO A 85 4.50 -5.51 -16.01
N GLY A 86 4.55 -6.64 -16.71
CA GLY A 86 4.01 -6.72 -18.08
C GLY A 86 2.57 -6.24 -18.14
N ALA A 87 1.68 -6.83 -17.33
CA ALA A 87 0.25 -6.47 -17.35
C ALA A 87 0.04 -5.06 -16.80
N LEU A 88 0.75 -4.71 -15.73
CA LEU A 88 0.55 -3.38 -15.08
C LEU A 88 0.67 -2.27 -16.12
N GLN A 89 1.50 -2.48 -17.15
CA GLN A 89 1.73 -1.44 -18.19
C GLN A 89 0.45 -1.23 -19.01
N SER A 90 -0.50 -2.16 -18.93
CA SER A 90 -1.74 -2.06 -19.73
C SER A 90 -2.77 -1.17 -19.03
N TYR A 91 -2.47 -0.70 -17.82
CA TYR A 91 -3.46 0.08 -17.03
C TYR A 91 -2.96 1.51 -16.79
N ILE A 92 -1.77 1.85 -17.29
CA ILE A 92 -1.19 3.21 -17.05
C ILE A 92 -2.13 4.28 -17.63
N GLY A 93 -2.68 4.04 -18.83
CA GLY A 93 -3.53 5.05 -19.49
C GLY A 93 -4.73 5.43 -18.65
N LYS A 94 -5.49 4.43 -18.16
CA LYS A 94 -6.69 4.70 -17.34
C LYS A 94 -6.25 5.43 -16.06
N MET A 95 -5.19 4.94 -15.43
CA MET A 95 -4.68 5.58 -14.18
C MET A 95 -4.25 7.01 -14.51
N ASN A 96 -3.46 7.19 -15.57
CA ASN A 96 -2.96 8.54 -15.93
C ASN A 96 -4.16 9.45 -16.22
N THR A 97 -5.16 8.93 -16.94
CA THR A 97 -6.36 9.73 -17.30
C THR A 97 -7.04 10.21 -16.02
N GLU A 98 -7.26 9.33 -15.06
CA GLU A 98 -7.97 9.69 -13.80
C GLU A 98 -7.17 10.75 -13.03
N ILE A 99 -5.88 10.49 -12.79
CA ILE A 99 -5.03 11.44 -12.01
C ILE A 99 -5.09 12.81 -12.68
N GLN A 100 -4.89 12.86 -14.00
CA GLN A 100 -4.93 14.15 -14.74
C GLN A 100 -6.29 14.82 -14.52
N SER A 101 -7.39 14.06 -14.64
CA SER A 101 -8.75 14.63 -14.45
C SER A 101 -8.93 15.13 -13.03
N HIS A 102 -8.50 14.34 -12.03
CA HIS A 102 -8.66 14.74 -10.60
C HIS A 102 -7.92 16.05 -10.33
N ILE A 103 -6.68 16.15 -10.82
CA ILE A 103 -5.86 17.38 -10.59
C ILE A 103 -6.55 18.56 -11.29
N ASN A 104 -6.95 18.38 -12.55
CA ASN A 104 -7.55 19.52 -13.30
C ASN A 104 -8.89 19.90 -12.67
N GLU A 105 -9.65 18.92 -12.17
CA GLU A 105 -11.01 19.21 -11.63
C GLU A 105 -10.96 19.73 -10.20
N LYS A 106 -10.16 19.14 -9.30
CA LYS A 106 -10.21 19.53 -7.87
C LYS A 106 -9.00 20.37 -7.43
N TRP A 107 -7.97 20.49 -8.27
CA TRP A 107 -6.72 21.19 -7.82
C TRP A 107 -6.40 22.42 -8.67
N LYS A 108 -6.31 22.27 -9.99
CA LYS A 108 -5.88 23.37 -10.90
C LYS A 108 -6.43 24.74 -10.49
N GLY A 109 -7.76 24.92 -10.45
CA GLY A 109 -8.32 26.26 -10.20
C GLY A 109 -8.53 26.60 -8.74
N LYS A 110 -7.81 25.94 -7.83
CA LYS A 110 -8.03 26.18 -6.38
C LYS A 110 -6.86 26.95 -5.80
N ASP A 111 -7.13 28.02 -5.05
CA ASP A 111 -6.06 28.82 -4.41
C ASP A 111 -5.43 28.02 -3.27
N GLU A 112 -6.27 27.31 -2.51
CA GLU A 112 -5.77 26.46 -1.39
C GLU A 112 -6.55 25.14 -1.40
N VAL A 113 -5.91 24.03 -1.02
CA VAL A 113 -6.59 22.71 -0.97
C VAL A 113 -6.07 21.88 0.21
N ASN A 114 -6.89 20.97 0.75
CA ASN A 114 -6.40 20.03 1.79
C ASN A 114 -6.02 18.75 1.04
N VAL A 115 -4.75 18.34 1.08
CA VAL A 115 -4.29 17.18 0.26
C VAL A 115 -4.92 15.85 0.69
N LEU A 116 -4.83 15.48 1.97
CA LEU A 116 -5.32 14.16 2.44
C LEU A 116 -6.68 13.79 1.81
N PRO A 117 -7.75 14.59 1.96
CA PRO A 117 -9.06 14.22 1.43
C PRO A 117 -9.00 13.92 -0.08
N LEU A 118 -8.29 14.75 -0.83
CA LEU A 118 -8.22 14.59 -2.31
C LEU A 118 -7.44 13.32 -2.67
N VAL A 119 -6.33 13.08 -1.97
CA VAL A 119 -5.48 11.87 -2.24
C VAL A 119 -6.32 10.61 -1.98
N ARG A 120 -7.08 10.59 -0.88
CA ARG A 120 -7.92 9.42 -0.53
C ARG A 120 -8.95 9.18 -1.62
N GLU A 121 -9.58 10.25 -2.14
CA GLU A 121 -10.59 10.12 -3.23
C GLU A 121 -9.92 9.55 -4.49
N LEU A 122 -8.81 10.14 -4.92
CA LEU A 122 -8.11 9.70 -6.15
C LEU A 122 -7.64 8.25 -5.98
N VAL A 123 -7.03 7.94 -4.84
CA VAL A 123 -6.51 6.56 -4.58
C VAL A 123 -7.66 5.55 -4.72
N PHE A 124 -8.78 5.80 -4.03
CA PHE A 124 -9.92 4.84 -4.07
C PHE A 124 -10.53 4.78 -5.47
N ASN A 125 -10.73 5.94 -6.10
CA ASN A 125 -11.40 5.98 -7.43
C ASN A 125 -10.55 5.21 -8.45
N ILE A 126 -9.21 5.29 -8.33
CA ILE A 126 -8.32 4.54 -9.26
C ILE A 126 -8.55 3.05 -9.06
N SER A 127 -8.69 2.61 -7.80
CA SER A 127 -8.93 1.18 -7.50
C SER A 127 -10.31 0.77 -8.05
N ALA A 128 -11.31 1.65 -7.94
CA ALA A 128 -12.68 1.33 -8.41
C ALA A 128 -12.66 1.10 -9.93
N ILE A 129 -11.85 1.89 -10.66
CA ILE A 129 -11.82 1.78 -12.14
C ILE A 129 -10.97 0.58 -12.54
N LEU A 130 -9.83 0.37 -11.88
CA LEU A 130 -8.89 -0.71 -12.29
C LEU A 130 -9.37 -2.06 -11.75
N PHE A 131 -10.19 -2.07 -10.69
CA PHE A 131 -10.65 -3.34 -10.08
C PHE A 131 -12.03 -3.73 -10.62
N PHE A 132 -12.93 -2.76 -10.81
CA PHE A 132 -14.32 -3.11 -11.20
C PHE A 132 -14.80 -2.30 -12.40
N ASN A 133 -13.91 -1.52 -13.02
CA ASN A 133 -14.30 -0.66 -14.17
C ASN A 133 -15.47 0.22 -13.76
N ILE A 134 -15.48 0.69 -12.51
CA ILE A 134 -16.59 1.56 -12.01
C ILE A 134 -16.15 3.02 -12.13
N TYR A 135 -16.78 3.77 -13.04
CA TYR A 135 -16.44 5.21 -13.23
C TYR A 135 -17.53 6.08 -12.61
N ASP A 136 -18.72 5.50 -12.36
CA ASP A 136 -19.84 6.26 -11.73
C ASP A 136 -19.34 6.87 -10.42
N LYS A 137 -19.27 8.21 -10.34
CA LYS A 137 -18.77 8.89 -9.13
C LYS A 137 -19.63 8.50 -7.91
N GLN A 138 -20.96 8.52 -8.06
CA GLN A 138 -21.86 8.21 -6.92
C GLN A 138 -21.61 6.77 -6.45
N GLU A 139 -21.47 5.83 -7.38
CA GLU A 139 -21.16 4.43 -7.00
C GLU A 139 -19.78 4.38 -6.35
N GLN A 140 -18.81 5.12 -6.89
CA GLN A 140 -17.45 5.19 -6.30
C GLN A 140 -17.54 5.73 -4.88
N ASP A 141 -18.34 6.78 -4.66
CA ASP A 141 -18.49 7.40 -3.33
C ASP A 141 -19.17 6.40 -2.38
N ARG A 142 -20.16 5.66 -2.89
CA ARG A 142 -20.89 4.66 -2.07
C ARG A 142 -19.89 3.62 -1.56
N LEU A 143 -19.12 3.01 -2.47
CA LEU A 143 -18.17 1.94 -2.08
C LEU A 143 -17.05 2.53 -1.22
N HIS A 144 -16.64 3.76 -1.51
CA HIS A 144 -15.58 4.43 -0.71
C HIS A 144 -16.03 4.53 0.75
N LYS A 145 -17.26 5.00 0.97
CA LYS A 145 -17.80 5.15 2.35
C LYS A 145 -17.90 3.76 2.99
N LEU A 146 -18.32 2.75 2.22
CA LEU A 146 -18.48 1.38 2.78
C LEU A 146 -17.13 0.86 3.27
N LEU A 147 -16.07 1.07 2.49
CA LEU A 147 -14.70 0.61 2.87
C LEU A 147 -14.26 1.37 4.13
N GLU A 148 -14.52 2.68 4.19
CA GLU A 148 -14.14 3.48 5.38
C GLU A 148 -14.75 2.87 6.64
N THR A 149 -16.02 2.43 6.56
CA THR A 149 -16.70 1.83 7.74
C THR A 149 -16.01 0.52 8.12
N ILE A 150 -15.71 -0.34 7.14
CA ILE A 150 -15.08 -1.67 7.41
C ILE A 150 -13.65 -1.45 7.93
N LEU A 151 -12.97 -0.41 7.45
CA LEU A 151 -11.58 -0.12 7.89
C LEU A 151 -11.58 0.32 9.36
N VAL A 152 -12.66 0.96 9.82
CA VAL A 152 -12.76 1.43 11.22
C VAL A 152 -12.75 0.23 12.17
N GLY A 153 -13.33 -0.90 11.76
CA GLY A 153 -13.44 -2.08 12.64
C GLY A 153 -12.13 -2.85 12.77
N SER A 154 -11.20 -2.64 11.84
CA SER A 154 -9.92 -3.37 11.86
C SER A 154 -9.07 -2.96 13.07
N PHE A 155 -9.17 -1.69 13.49
CA PHE A 155 -8.32 -1.20 14.61
C PHE A 155 -9.17 -1.09 15.89
N ALA A 156 -10.49 -1.25 15.77
CA ALA A 156 -11.39 -1.19 16.95
C ALA A 156 -11.34 -2.51 17.73
N LEU A 157 -11.96 -2.54 18.90
CA LEU A 157 -12.00 -3.79 19.72
C LEU A 157 -12.85 -4.83 18.99
N PRO A 158 -12.45 -6.11 18.91
CA PRO A 158 -13.20 -7.11 18.14
C PRO A 158 -14.51 -7.53 18.84
N ILE A 159 -15.38 -6.56 19.14
CA ILE A 159 -16.67 -6.86 19.81
C ILE A 159 -17.77 -6.94 18.76
N ASP A 160 -18.22 -8.15 18.41
CA ASP A 160 -19.32 -8.31 17.42
C ASP A 160 -20.67 -8.14 18.14
N LEU A 161 -20.91 -6.95 18.71
CA LEU A 161 -22.19 -6.70 19.42
C LEU A 161 -22.89 -5.49 18.79
N PRO A 162 -24.25 -5.43 18.75
CA PRO A 162 -24.95 -4.27 18.21
C PRO A 162 -24.41 -2.95 18.81
N GLY A 163 -24.23 -1.92 17.97
CA GLY A 163 -23.76 -0.61 18.46
C GLY A 163 -22.27 -0.60 18.75
N PHE A 164 -21.49 -1.40 18.02
CA PHE A 164 -20.01 -1.40 18.18
C PHE A 164 -19.35 -1.25 16.80
N GLY A 165 -18.18 -0.59 16.76
CA GLY A 165 -17.50 -0.34 15.48
C GLY A 165 -17.19 -1.64 14.74
N PHE A 166 -16.64 -2.63 15.44
CA PHE A 166 -16.31 -3.93 14.82
C PHE A 166 -17.59 -4.56 14.25
N HIS A 167 -18.71 -4.42 14.97
CA HIS A 167 -19.99 -5.00 14.52
C HIS A 167 -20.46 -4.30 13.24
N ARG A 168 -20.36 -2.97 13.19
CA ARG A 168 -20.82 -2.20 12.01
C ARG A 168 -19.89 -2.50 10.83
N ALA A 169 -18.60 -2.70 11.10
CA ALA A 169 -17.64 -3.05 10.02
C ALA A 169 -18.05 -4.38 9.39
N LEU A 170 -18.43 -5.36 10.23
CA LEU A 170 -18.87 -6.68 9.71
C LEU A 170 -20.14 -6.49 8.87
N GLN A 171 -21.00 -5.56 9.25
CA GLN A 171 -22.23 -5.27 8.47
C GLN A 171 -21.83 -4.68 7.11
N GLY A 172 -20.81 -3.82 7.08
CA GLY A 172 -20.33 -3.24 5.81
C GLY A 172 -19.77 -4.30 4.88
N ARG A 173 -19.04 -5.26 5.43
CA ARG A 173 -18.42 -6.33 4.60
C ARG A 173 -19.53 -7.15 3.92
N ALA A 174 -20.59 -7.46 4.68
CA ALA A 174 -21.72 -8.23 4.10
C ALA A 174 -22.32 -7.43 2.94
N LYS A 175 -22.49 -6.12 3.11
CA LYS A 175 -23.06 -5.27 2.03
C LYS A 175 -22.11 -5.23 0.84
N LEU A 176 -20.81 -5.01 1.10
CA LEU A 176 -19.81 -4.94 0.00
C LEU A 176 -19.77 -6.28 -0.73
N ASN A 177 -19.86 -7.39 0.01
CA ASN A 177 -19.82 -8.73 -0.60
C ASN A 177 -21.01 -8.90 -1.55
N LYS A 178 -22.20 -8.45 -1.11
CA LYS A 178 -23.42 -8.56 -1.95
C LYS A 178 -23.22 -7.73 -3.22
N ILE A 179 -22.68 -6.52 -3.08
CA ILE A 179 -22.45 -5.63 -4.26
C ILE A 179 -21.45 -6.32 -5.19
N MET A 180 -20.37 -6.88 -4.62
CA MET A 180 -19.31 -7.51 -5.44
C MET A 180 -19.86 -8.77 -6.11
N LEU A 181 -20.67 -9.55 -5.41
CA LEU A 181 -21.30 -10.75 -6.00
C LEU A 181 -22.12 -10.34 -7.23
N SER A 182 -22.83 -9.21 -7.14
CA SER A 182 -23.62 -8.70 -8.29
C SER A 182 -22.67 -8.34 -9.43
N LEU A 183 -21.56 -7.67 -9.12
CA LEU A 183 -20.58 -7.28 -10.16
C LEU A 183 -20.04 -8.54 -10.84
N ILE A 184 -19.80 -9.60 -10.06
CA ILE A 184 -19.29 -10.88 -10.62
C ILE A 184 -20.34 -11.45 -11.58
N LYS A 185 -21.60 -11.47 -11.16
CA LYS A 185 -22.70 -12.00 -12.02
C LYS A 185 -22.76 -11.20 -13.33
N LYS A 186 -22.84 -9.87 -13.24
CA LYS A 186 -22.96 -9.02 -14.45
C LYS A 186 -21.73 -9.19 -15.34
N ARG A 187 -20.53 -9.27 -14.74
CA ARG A 187 -19.28 -9.37 -15.54
C ARG A 187 -19.26 -10.68 -16.33
N LYS A 188 -19.63 -11.78 -15.69
CA LYS A 188 -19.67 -13.10 -16.39
C LYS A 188 -20.61 -12.98 -17.59
N GLU A 189 -21.75 -12.32 -17.42
CA GLU A 189 -22.71 -12.13 -18.54
C GLU A 189 -22.05 -11.28 -19.63
N ASP A 190 -21.45 -10.15 -19.27
CA ASP A 190 -20.83 -9.24 -20.27
C ASP A 190 -19.73 -9.99 -21.03
N LEU A 191 -18.99 -10.85 -20.33
CA LEU A 191 -17.90 -11.63 -20.98
C LEU A 191 -18.52 -12.55 -22.03
N GLN A 192 -19.57 -13.29 -21.67
CA GLN A 192 -20.23 -14.20 -22.62
C GLN A 192 -20.91 -13.39 -23.72
N SER A 193 -21.26 -12.13 -23.44
CA SER A 193 -21.95 -11.26 -24.43
C SER A 193 -20.91 -10.46 -25.22
N GLY A 194 -19.62 -10.61 -24.88
CA GLY A 194 -18.56 -9.83 -25.56
C GLY A 194 -18.64 -8.35 -25.19
N SER A 195 -19.23 -8.04 -24.03
CA SER A 195 -19.34 -6.63 -23.57
C SER A 195 -18.14 -6.30 -22.68
N ALA A 196 -17.42 -7.33 -22.22
CA ALA A 196 -16.26 -7.11 -21.33
C ALA A 196 -15.06 -7.90 -21.87
N THR A 197 -13.85 -7.38 -21.68
CA THR A 197 -12.63 -8.11 -22.09
C THR A 197 -12.11 -8.89 -20.87
N ALA A 198 -11.12 -9.77 -21.06
CA ALA A 198 -10.61 -10.59 -19.94
C ALA A 198 -9.46 -9.87 -19.23
N THR A 199 -9.06 -8.69 -19.74
CA THR A 199 -7.90 -7.98 -19.16
C THR A 199 -8.27 -6.52 -18.87
N GLN A 200 -9.52 -6.13 -19.12
CA GLN A 200 -9.92 -4.72 -18.94
C GLN A 200 -9.68 -4.28 -17.48
N ASP A 201 -9.83 -5.20 -16.52
CA ASP A 201 -9.68 -4.84 -15.09
C ASP A 201 -9.32 -6.08 -14.26
N LEU A 202 -9.21 -5.92 -12.94
CA LEU A 202 -8.81 -7.04 -12.05
C LEU A 202 -9.94 -8.08 -11.95
N LEU A 203 -11.19 -7.63 -11.95
CA LEU A 203 -12.34 -8.56 -11.89
C LEU A 203 -12.25 -9.58 -13.03
N SER A 204 -12.04 -9.10 -14.25
CA SER A 204 -11.96 -10.00 -15.43
C SER A 204 -10.72 -10.90 -15.32
N VAL A 205 -9.60 -10.35 -14.82
CA VAL A 205 -8.36 -11.15 -14.66
C VAL A 205 -8.64 -12.32 -13.70
N LEU A 206 -9.29 -12.04 -12.56
CA LEU A 206 -9.52 -13.08 -11.53
C LEU A 206 -10.53 -14.11 -12.06
N LEU A 207 -11.63 -13.64 -12.64
CA LEU A 207 -12.66 -14.56 -13.19
C LEU A 207 -12.04 -15.41 -14.31
N THR A 208 -11.21 -14.81 -15.14
CA THR A 208 -10.63 -15.49 -16.33
C THR A 208 -9.54 -16.46 -15.89
N PHE A 209 -9.11 -16.43 -14.64
CA PHE A 209 -7.97 -17.28 -14.18
C PHE A 209 -8.38 -18.74 -13.98
N ARG A 210 -7.46 -19.65 -14.29
CA ARG A 210 -7.70 -21.09 -14.06
C ARG A 210 -6.40 -21.69 -13.53
N ASP A 211 -6.49 -22.62 -12.57
CA ASP A 211 -5.28 -23.29 -12.04
C ASP A 211 -4.68 -24.17 -13.14
N ASP A 212 -3.49 -24.74 -12.90
CA ASP A 212 -2.87 -25.65 -13.90
C ASP A 212 -3.84 -26.80 -14.17
N LYS A 213 -4.67 -27.16 -13.18
CA LYS A 213 -5.67 -28.24 -13.35
C LYS A 213 -6.89 -27.68 -14.10
N GLY A 214 -6.95 -26.35 -14.30
CA GLY A 214 -8.07 -25.73 -15.01
C GLY A 214 -9.20 -25.36 -14.07
N THR A 215 -8.98 -25.51 -12.76
CA THR A 215 -10.02 -25.16 -11.76
C THR A 215 -10.10 -23.63 -11.62
N PRO A 216 -11.30 -23.02 -11.73
CA PRO A 216 -11.44 -21.57 -11.65
C PRO A 216 -11.46 -21.08 -10.20
N LEU A 217 -11.30 -19.77 -9.99
CA LEU A 217 -11.39 -19.22 -8.62
C LEU A 217 -12.86 -19.18 -8.18
N THR A 218 -13.14 -19.54 -6.92
CA THR A 218 -14.53 -19.48 -6.40
C THR A 218 -14.93 -18.02 -6.20
N ASN A 219 -16.24 -17.73 -6.18
CA ASN A 219 -16.72 -16.35 -5.95
C ASN A 219 -16.21 -15.85 -4.59
N ASP A 220 -16.27 -16.69 -3.56
CA ASP A 220 -15.83 -16.30 -2.20
C ASP A 220 -14.35 -15.88 -2.22
N GLU A 221 -13.52 -16.63 -2.95
CA GLU A 221 -12.08 -16.29 -3.06
C GLU A 221 -11.93 -14.94 -3.77
N ILE A 222 -12.75 -14.70 -4.79
CA ILE A 222 -12.70 -13.41 -5.54
C ILE A 222 -13.14 -12.27 -4.60
N LEU A 223 -14.21 -12.49 -3.84
CA LEU A 223 -14.70 -11.47 -2.88
C LEU A 223 -13.64 -11.21 -1.81
N ASP A 224 -13.17 -12.27 -1.15
CA ASP A 224 -12.19 -12.12 -0.04
C ASP A 224 -10.93 -11.43 -0.57
N ASN A 225 -10.47 -11.85 -1.76
CA ASN A 225 -9.24 -11.27 -2.35
C ASN A 225 -9.49 -9.77 -2.60
N PHE A 226 -10.62 -9.42 -3.21
CA PHE A 226 -10.94 -8.00 -3.49
C PHE A 226 -11.02 -7.21 -2.19
N SER A 227 -11.51 -7.83 -1.12
CA SER A 227 -11.61 -7.16 0.21
C SER A 227 -10.21 -6.96 0.77
N SER A 228 -9.43 -8.05 0.90
CA SER A 228 -8.04 -7.93 1.38
C SER A 228 -7.28 -6.93 0.50
N LEU A 229 -7.56 -6.91 -0.80
CA LEU A 229 -6.86 -5.99 -1.74
C LEU A 229 -7.26 -4.53 -1.46
N LEU A 230 -8.56 -4.29 -1.25
CA LEU A 230 -9.06 -2.91 -0.97
C LEU A 230 -8.42 -2.41 0.33
N HIS A 231 -8.28 -3.31 1.32
CA HIS A 231 -7.64 -2.94 2.61
C HIS A 231 -6.19 -2.52 2.37
N ALA A 232 -5.44 -3.27 1.57
CA ALA A 232 -3.99 -3.01 1.37
C ALA A 232 -3.75 -1.91 0.34
N SER A 233 -4.79 -1.38 -0.30
CA SER A 233 -4.59 -0.42 -1.41
C SER A 233 -4.93 1.03 -1.01
N TYR A 234 -5.82 1.23 -0.04
CA TYR A 234 -6.31 2.61 0.26
C TYR A 234 -5.40 3.38 1.25
N ASP A 235 -5.43 3.03 2.53
CA ASP A 235 -4.69 3.82 3.55
C ASP A 235 -3.16 3.65 3.43
N THR A 236 -2.71 2.74 2.58
CA THR A 236 -1.25 2.55 2.37
C THR A 236 -0.72 3.57 1.35
N THR A 237 -1.28 3.58 0.15
CA THR A 237 -0.80 4.46 -0.94
C THR A 237 -1.11 5.92 -0.55
N THR A 238 -2.08 6.10 0.32
CA THR A 238 -2.49 7.47 0.76
C THR A 238 -1.38 8.12 1.59
N SER A 239 -0.66 7.32 2.41
CA SER A 239 0.39 7.89 3.30
C SER A 239 1.45 8.62 2.47
N PRO A 240 2.14 7.96 1.53
CA PRO A 240 3.23 8.60 0.77
C PRO A 240 2.74 9.77 -0.10
N MET A 241 1.57 9.64 -0.72
CA MET A 241 1.08 10.69 -1.66
C MET A 241 0.77 11.98 -0.88
N ALA A 242 0.31 11.86 0.35
CA ALA A 242 -0.02 13.06 1.18
C ALA A 242 1.22 13.61 1.88
N LEU A 243 2.26 12.78 2.06
CA LEU A 243 3.45 13.22 2.82
C LEU A 243 4.60 13.64 1.89
N ILE A 244 4.53 13.28 0.60
CA ILE A 244 5.67 13.55 -0.32
C ILE A 244 5.88 15.07 -0.45
N PHE A 245 4.83 15.84 -0.72
CA PHE A 245 4.98 17.31 -0.94
C PHE A 245 5.21 18.01 0.39
N LYS A 246 4.81 17.38 1.50
CA LYS A 246 5.07 17.97 2.84
C LYS A 246 6.58 17.93 3.10
N LEU A 247 7.23 16.81 2.77
CA LEU A 247 8.69 16.66 2.99
C LEU A 247 9.44 17.46 1.92
N LEU A 248 8.92 17.51 0.70
CA LEU A 248 9.58 18.25 -0.41
C LEU A 248 9.57 19.74 -0.08
N SER A 249 8.57 20.19 0.68
CA SER A 249 8.49 21.62 1.08
C SER A 249 9.60 21.92 2.09
N SER A 250 9.89 20.98 2.98
CA SER A 250 10.95 21.17 4.00
C SER A 250 12.32 20.96 3.36
N ASN A 251 12.36 20.35 2.17
CA ASN A 251 13.63 20.12 1.44
C ASN A 251 13.47 20.67 0.02
N PRO A 252 13.35 22.01 -0.18
CA PRO A 252 13.11 22.58 -1.50
C PRO A 252 14.13 22.15 -2.56
N GLU A 253 15.38 21.92 -2.14
CA GLU A 253 16.44 21.46 -3.08
C GLU A 253 15.96 20.17 -3.76
N CYS A 254 15.38 19.27 -2.97
CA CYS A 254 14.87 17.98 -3.52
C CYS A 254 13.72 18.27 -4.49
N TYR A 255 12.80 19.14 -4.09
CA TYR A 255 11.66 19.50 -4.97
C TYR A 255 12.19 20.05 -6.29
N GLN A 256 13.23 20.90 -6.22
CA GLN A 256 13.85 21.48 -7.44
C GLN A 256 14.30 20.34 -8.38
N LYS A 257 14.97 19.33 -7.83
CA LYS A 257 15.49 18.21 -8.66
C LYS A 257 14.32 17.43 -9.27
N VAL A 258 13.25 17.22 -8.50
CA VAL A 258 12.05 16.51 -9.02
C VAL A 258 11.49 17.30 -10.21
N VAL A 259 11.24 18.59 -10.03
CA VAL A 259 10.68 19.45 -11.11
C VAL A 259 11.61 19.38 -12.32
N GLN A 260 12.92 19.42 -12.08
CA GLN A 260 13.92 19.35 -13.17
C GLN A 260 13.72 18.05 -13.95
N GLU A 261 13.53 16.94 -13.23
CA GLU A 261 13.37 15.61 -13.89
C GLU A 261 12.05 15.58 -14.67
N GLN A 262 10.97 16.13 -14.09
CA GLN A 262 9.64 16.08 -14.74
C GLN A 262 9.62 16.98 -15.99
N LEU A 263 10.09 18.21 -15.87
CA LEU A 263 10.02 19.17 -17.02
C LEU A 263 10.93 18.68 -18.15
N GLU A 264 12.04 18.02 -17.81
CA GLU A 264 12.94 17.46 -18.84
C GLU A 264 12.18 16.39 -19.63
N ILE A 265 11.48 15.50 -18.94
CA ILE A 265 10.70 14.42 -19.61
C ILE A 265 9.69 15.06 -20.57
N LEU A 266 8.99 16.11 -20.13
CA LEU A 266 7.95 16.76 -20.96
C LEU A 266 8.63 17.46 -22.15
N SER A 267 9.74 18.14 -21.92
CA SER A 267 10.47 18.84 -23.01
C SER A 267 10.80 17.84 -24.12
N ASN A 268 10.75 16.55 -23.82
CA ASN A 268 11.10 15.50 -24.82
C ASN A 268 9.81 14.83 -25.33
N LYS A 269 8.66 15.45 -25.09
CA LYS A 269 7.36 14.87 -25.52
C LYS A 269 6.57 15.91 -26.32
N GLU A 270 5.73 15.45 -27.25
CA GLU A 270 4.87 16.36 -28.05
C GLU A 270 3.65 16.75 -27.23
N GLU A 271 2.97 17.80 -27.70
CA GLU A 271 1.83 18.34 -26.90
C GLU A 271 0.64 17.42 -27.10
N GLY A 272 0.04 16.95 -26.00
CA GLY A 272 -1.04 15.98 -26.18
C GLY A 272 -0.55 14.54 -26.05
N GLU A 273 0.76 14.34 -26.20
CA GLU A 273 1.35 12.98 -26.02
C GLU A 273 1.22 12.60 -24.55
N GLU A 274 0.67 11.42 -24.27
CA GLU A 274 0.42 11.06 -22.84
C GLU A 274 1.69 10.44 -22.24
N ILE A 275 1.80 10.45 -20.91
CA ILE A 275 2.96 9.82 -20.22
C ILE A 275 3.04 8.35 -20.65
N THR A 276 4.26 7.79 -20.70
CA THR A 276 4.45 6.39 -21.13
C THR A 276 5.15 5.59 -20.02
N TRP A 277 5.13 4.26 -20.13
CA TRP A 277 5.85 3.41 -19.14
C TRP A 277 7.32 3.79 -19.16
N LYS A 278 7.84 4.21 -20.31
CA LYS A 278 9.26 4.61 -20.43
C LYS A 278 9.44 5.94 -19.70
N ASP A 279 8.48 6.86 -19.83
CA ASP A 279 8.53 8.14 -19.08
C ASP A 279 8.63 7.82 -17.58
N LEU A 280 7.81 6.86 -17.11
CA LEU A 280 7.80 6.51 -15.67
C LEU A 280 9.18 6.01 -15.24
N LYS A 281 9.83 5.23 -16.11
CA LYS A 281 11.19 4.70 -15.80
C LYS A 281 12.20 5.85 -15.77
N ALA A 282 11.92 6.93 -16.51
CA ALA A 282 12.82 8.10 -16.54
C ALA A 282 12.69 8.89 -15.23
N MET A 283 11.62 8.68 -14.47
CA MET A 283 11.41 9.41 -13.19
C MET A 283 12.18 8.70 -12.07
N LYS A 284 13.50 8.57 -12.20
CA LYS A 284 14.31 7.84 -11.21
C LYS A 284 14.39 8.63 -9.90
N TYR A 285 14.77 9.91 -9.97
CA TYR A 285 14.92 10.72 -8.73
C TYR A 285 13.56 10.90 -8.04
N THR A 286 12.50 11.10 -8.82
CA THR A 286 11.15 11.21 -8.22
C THR A 286 10.85 9.95 -7.40
N TRP A 287 11.23 8.78 -7.92
CA TRP A 287 11.01 7.49 -7.20
C TRP A 287 11.92 7.43 -5.96
N GLN A 288 13.13 7.99 -6.04
CA GLN A 288 14.04 8.03 -4.86
C GLN A 288 13.41 8.86 -3.75
N VAL A 289 12.77 9.98 -4.09
CA VAL A 289 12.09 10.83 -3.08
C VAL A 289 10.96 10.03 -2.43
N ALA A 290 10.21 9.26 -3.22
CA ALA A 290 9.11 8.43 -2.70
C ALA A 290 9.64 7.38 -1.72
N GLN A 291 10.77 6.73 -2.06
CA GLN A 291 11.36 5.68 -1.19
C GLN A 291 11.87 6.34 0.10
N GLU A 292 12.45 7.54 0.01
CA GLU A 292 12.92 8.27 1.22
C GLU A 292 11.72 8.58 2.12
N THR A 293 10.57 8.92 1.53
CA THR A 293 9.35 9.19 2.32
C THR A 293 8.90 7.88 3.00
N LEU A 294 8.94 6.76 2.27
CA LEU A 294 8.52 5.45 2.83
C LEU A 294 9.48 5.03 3.96
N ARG A 295 10.78 5.33 3.83
CA ARG A 295 11.76 4.96 4.87
C ARG A 295 11.45 5.75 6.15
N MET A 296 11.28 7.07 6.04
CA MET A 296 11.06 7.91 7.24
C MET A 296 9.68 7.65 7.84
N PHE A 297 8.66 7.44 7.01
CA PHE A 297 7.27 7.26 7.53
C PHE A 297 6.68 5.99 6.92
N PRO A 298 7.06 4.79 7.41
CA PRO A 298 6.57 3.52 6.86
C PRO A 298 5.07 3.33 7.11
N PRO A 299 4.21 3.35 6.06
CA PRO A 299 2.77 3.08 6.24
C PRO A 299 2.54 1.77 7.00
N VAL A 300 3.41 0.77 6.80
CA VAL A 300 3.29 -0.52 7.53
C VAL A 300 4.54 -0.71 8.40
N PHE A 301 4.37 -0.73 9.72
CA PHE A 301 5.54 -0.79 10.65
C PHE A 301 6.19 -2.18 10.59
N GLY A 302 5.39 -3.21 10.26
CA GLY A 302 5.87 -4.60 10.22
C GLY A 302 4.71 -5.56 10.38
N THR A 303 4.92 -6.86 10.13
CA THR A 303 3.79 -7.84 10.18
C THR A 303 4.18 -9.05 11.03
N PHE A 304 3.22 -9.93 11.34
CA PHE A 304 3.50 -11.07 12.24
C PHE A 304 3.53 -12.40 11.46
N ARG A 305 4.17 -13.42 12.03
CA ARG A 305 4.22 -14.76 11.41
C ARG A 305 4.03 -15.82 12.50
N LYS A 306 3.65 -17.04 12.11
CA LYS A 306 3.46 -18.13 13.10
C LYS A 306 4.58 -19.16 12.96
N ALA A 307 5.15 -19.61 14.08
CA ALA A 307 6.20 -20.66 14.03
C ALA A 307 5.56 -21.98 13.62
N ILE A 308 5.77 -22.39 12.37
CA ILE A 308 5.17 -23.67 11.86
C ILE A 308 6.09 -24.82 12.29
N THR A 309 7.15 -24.51 13.04
CA THR A 309 8.08 -25.55 13.54
C THR A 309 8.98 -24.92 14.61
N ASP A 310 9.64 -25.75 15.42
CA ASP A 310 10.60 -25.19 16.42
C ASP A 310 11.71 -24.48 15.65
N ILE A 311 12.13 -23.30 16.12
CA ILE A 311 13.15 -22.49 15.38
C ILE A 311 14.39 -22.33 16.26
N GLN A 312 15.58 -22.36 15.66
CA GLN A 312 16.84 -22.27 16.45
C GLN A 312 17.64 -21.07 16.00
N TYR A 313 16.98 -19.92 15.79
CA TYR A 313 17.70 -18.68 15.40
C TYR A 313 18.68 -18.32 16.52
N ASP A 314 19.91 -17.95 16.15
CA ASP A 314 20.95 -17.63 17.17
C ASP A 314 21.10 -18.83 18.10
N GLY A 315 21.11 -18.59 19.41
CA GLY A 315 21.19 -19.70 20.39
C GLY A 315 19.82 -20.04 20.94
N TYR A 316 18.92 -19.06 21.00
CA TYR A 316 17.57 -19.29 21.58
C TYR A 316 16.73 -20.10 20.60
N THR A 317 15.73 -20.82 21.12
CA THR A 317 14.86 -21.67 20.26
C THR A 317 13.43 -21.11 20.26
N ILE A 318 12.88 -20.80 19.08
CA ILE A 318 11.47 -20.32 18.99
C ILE A 318 10.56 -21.55 18.76
N PRO A 319 9.82 -22.03 19.78
CA PRO A 319 9.01 -23.25 19.63
C PRO A 319 7.86 -23.07 18.62
N LYS A 320 7.30 -24.18 18.14
CA LYS A 320 6.18 -24.12 17.17
C LYS A 320 4.96 -23.50 17.87
N GLY A 321 4.12 -22.79 17.11
CA GLY A 321 2.92 -22.13 17.70
C GLY A 321 3.25 -20.78 18.29
N TRP A 322 4.50 -20.33 18.15
CA TRP A 322 4.91 -19.00 18.67
C TRP A 322 4.70 -17.93 17.59
N LYS A 323 4.66 -16.66 18.00
CA LYS A 323 4.48 -15.55 17.02
C LYS A 323 5.81 -14.82 16.81
N LEU A 324 6.04 -14.32 15.59
CA LEU A 324 7.31 -13.61 15.28
C LEU A 324 6.98 -12.30 14.57
N LEU A 325 7.47 -11.17 15.10
CA LEU A 325 7.17 -9.84 14.50
C LEU A 325 8.48 -9.20 14.01
N TRP A 326 8.45 -8.64 12.79
CA TRP A 326 9.63 -7.89 12.27
C TRP A 326 9.21 -6.43 12.13
N THR A 327 10.15 -5.49 12.22
CA THR A 327 9.72 -4.07 12.19
C THR A 327 10.65 -3.24 11.31
N THR A 328 10.08 -2.34 10.51
CA THR A 328 10.92 -1.41 9.71
C THR A 328 11.67 -0.51 10.69
N TYR A 329 11.19 -0.46 11.94
CA TYR A 329 11.78 0.43 12.98
C TYR A 329 13.06 -0.18 13.56
N SER A 330 13.56 -1.26 12.96
CA SER A 330 14.83 -1.87 13.43
C SER A 330 15.96 -1.45 12.50
N THR A 331 15.63 -0.86 11.35
CA THR A 331 16.66 -0.51 10.34
C THR A 331 16.38 0.87 9.74
N HIS A 332 15.13 1.13 9.33
CA HIS A 332 14.77 2.41 8.69
C HIS A 332 15.27 3.60 9.52
N PRO A 333 14.96 3.68 10.84
CA PRO A 333 15.37 4.79 11.67
C PRO A 333 16.66 4.47 12.44
N LYS A 334 17.67 3.93 11.74
CA LYS A 334 18.94 3.56 12.42
C LYS A 334 20.11 4.17 11.65
N ASP A 335 21.00 4.86 12.34
CA ASP A 335 22.17 5.52 11.70
C ASP A 335 23.14 4.44 11.22
N LEU A 336 23.07 3.26 11.84
CA LEU A 336 23.97 2.13 11.46
C LEU A 336 23.69 1.75 10.01
N TYR A 337 22.43 1.81 9.58
CA TYR A 337 22.06 1.38 8.21
C TYR A 337 21.78 2.61 7.34
N PHE A 338 21.30 3.69 7.96
CA PHE A 338 20.98 4.92 7.20
C PHE A 338 21.63 6.12 7.90
N ASN A 339 22.71 6.66 7.32
CA ASN A 339 23.44 7.79 7.95
C ASN A 339 22.52 9.00 8.10
N GLU A 340 22.58 9.69 9.24
CA GLU A 340 21.64 10.82 9.49
C GLU A 340 20.22 10.35 9.19
N PRO A 341 19.64 9.40 9.96
CA PRO A 341 18.31 8.84 9.64
C PRO A 341 17.19 9.89 9.73
N GLU A 342 17.39 10.94 10.53
CA GLU A 342 16.36 12.00 10.70
C GLU A 342 16.40 12.95 9.50
N LYS A 343 17.40 12.80 8.64
CA LYS A 343 17.56 13.73 7.49
C LYS A 343 16.87 13.14 6.25
N PHE A 344 16.19 14.00 5.47
CA PHE A 344 15.52 13.53 4.23
C PHE A 344 16.55 13.53 3.10
N MET A 345 17.06 12.35 2.74
CA MET A 345 18.09 12.25 1.67
C MET A 345 17.64 11.23 0.61
N PRO A 346 16.96 11.65 -0.48
CA PRO A 346 16.59 10.72 -1.55
C PRO A 346 17.87 10.13 -2.17
N SER A 347 19.00 10.82 -1.99
CA SER A 347 20.30 10.34 -2.54
C SER A 347 20.64 8.97 -1.95
N ARG A 348 20.02 8.61 -0.82
CA ARG A 348 20.26 7.28 -0.18
C ARG A 348 19.90 6.17 -1.17
N PHE A 349 19.01 6.46 -2.12
CA PHE A 349 18.55 5.42 -3.08
C PHE A 349 19.04 5.76 -4.48
N ASP A 350 20.22 6.39 -4.57
CA ASP A 350 20.82 6.70 -5.90
C ASP A 350 21.23 5.38 -6.58
N GLN A 351 21.43 5.41 -7.90
CA GLN A 351 21.84 4.19 -8.66
C GLN A 351 20.84 3.06 -8.39
N GLU A 352 19.54 3.35 -8.47
CA GLU A 352 18.49 2.31 -8.28
C GLU A 352 18.74 1.55 -6.98
N GLY A 353 19.02 2.25 -5.88
CA GLY A 353 19.19 1.61 -4.56
C GLY A 353 20.33 0.59 -4.53
N LYS A 354 21.38 0.81 -5.33
CA LYS A 354 22.50 -0.16 -5.42
C LYS A 354 23.34 -0.10 -4.14
N HIS A 355 23.16 0.95 -3.33
CA HIS A 355 24.00 1.14 -2.13
C HIS A 355 23.20 0.75 -0.87
N VAL A 356 21.89 0.55 -1.00
CA VAL A 356 21.05 0.14 0.16
C VAL A 356 21.47 -1.26 0.61
N ALA A 357 21.77 -1.43 1.90
CA ALA A 357 22.17 -2.75 2.44
C ALA A 357 20.99 -3.73 2.37
N PRO A 358 21.21 -5.06 2.39
CA PRO A 358 20.10 -6.03 2.32
C PRO A 358 19.26 -6.07 3.61
N TYR A 359 17.95 -6.25 3.48
CA TYR A 359 17.03 -6.35 4.66
C TYR A 359 17.16 -5.11 5.55
N THR A 360 17.40 -3.94 4.95
CA THR A 360 17.49 -2.67 5.72
C THR A 360 16.34 -1.75 5.30
N PHE A 361 16.04 -1.69 4.01
CA PHE A 361 14.87 -0.91 3.54
C PHE A 361 13.79 -1.91 3.11
N LEU A 362 12.79 -2.14 3.96
CA LEU A 362 11.73 -3.15 3.65
C LEU A 362 10.34 -2.48 3.72
N PRO A 363 10.07 -1.40 2.95
CA PRO A 363 8.74 -0.78 2.94
C PRO A 363 7.63 -1.70 2.43
N PHE A 364 7.98 -2.64 1.54
CA PHE A 364 6.96 -3.56 0.95
C PHE A 364 7.24 -5.01 1.36
N GLY A 365 7.96 -5.20 2.47
CA GLY A 365 8.23 -6.56 2.97
C GLY A 365 9.22 -7.29 2.10
N GLY A 366 9.23 -8.62 2.19
CA GLY A 366 10.14 -9.43 1.36
C GLY A 366 9.75 -10.90 1.44
N GLY A 367 10.26 -11.73 0.54
CA GLY A 367 9.88 -13.15 0.52
C GLY A 367 8.62 -13.41 -0.30
N GLN A 368 7.84 -14.42 0.09
CA GLN A 368 6.65 -14.80 -0.71
C GLN A 368 5.41 -14.02 -0.24
N ARG A 369 5.54 -13.26 0.85
CA ARG A 369 4.42 -12.45 1.39
C ARG A 369 4.64 -10.98 1.04
N SER A 370 5.58 -10.70 0.12
CA SER A 370 5.90 -9.31 -0.27
C SER A 370 4.65 -8.63 -0.85
N CYS A 371 4.64 -7.28 -0.84
CA CYS A 371 3.46 -6.51 -1.34
C CYS A 371 3.15 -6.91 -2.79
N VAL A 372 1.86 -7.12 -3.10
CA VAL A 372 1.45 -7.51 -4.47
C VAL A 372 1.22 -6.24 -5.31
N GLY A 373 0.98 -5.10 -4.65
CA GLY A 373 0.67 -3.87 -5.39
C GLY A 373 1.68 -2.76 -5.18
N TRP A 374 2.96 -3.10 -5.04
CA TRP A 374 4.00 -2.08 -4.77
C TRP A 374 4.24 -1.23 -6.03
N GLU A 375 4.36 -1.89 -7.19
CA GLU A 375 4.60 -1.17 -8.47
C GLU A 375 3.31 -0.45 -8.86
N PHE A 376 2.15 -1.00 -8.46
CA PHE A 376 0.87 -0.32 -8.71
C PHE A 376 0.86 1.01 -7.94
N SER A 377 1.34 0.98 -6.70
CA SER A 377 1.41 2.22 -5.87
C SER A 377 2.46 3.16 -6.45
N LYS A 378 3.62 2.63 -6.85
CA LYS A 378 4.71 3.47 -7.42
C LYS A 378 4.20 4.20 -8.66
N MET A 379 3.41 3.51 -9.50
CA MET A 379 2.87 4.12 -10.73
C MET A 379 1.98 5.30 -10.36
N GLU A 380 1.12 5.13 -9.35
CA GLU A 380 0.19 6.21 -8.93
C GLU A 380 0.99 7.38 -8.34
N ILE A 381 1.97 7.09 -7.49
CA ILE A 381 2.76 8.16 -6.82
C ILE A 381 3.50 8.99 -7.88
N LEU A 382 4.09 8.32 -8.88
CA LEU A 382 4.89 9.03 -9.91
C LEU A 382 3.96 9.85 -10.81
N LEU A 383 2.87 9.25 -11.28
CA LEU A 383 1.92 9.95 -12.18
C LEU A 383 1.31 11.14 -11.43
N PHE A 384 1.06 10.98 -10.12
CA PHE A 384 0.48 12.07 -9.30
C PHE A 384 1.47 13.25 -9.23
N VAL A 385 2.72 12.96 -8.86
CA VAL A 385 3.75 14.03 -8.75
C VAL A 385 3.93 14.69 -10.12
N HIS A 386 3.94 13.88 -11.19
CA HIS A 386 4.13 14.43 -12.57
C HIS A 386 3.03 15.46 -12.88
N HIS A 387 1.76 15.10 -12.68
CA HIS A 387 0.64 16.02 -13.03
C HIS A 387 0.67 17.26 -12.14
N PHE A 388 1.05 17.11 -10.87
CA PHE A 388 1.13 18.26 -9.94
C PHE A 388 2.19 19.25 -10.45
N VAL A 389 3.42 18.78 -10.68
CA VAL A 389 4.52 19.67 -11.13
C VAL A 389 4.13 20.27 -12.50
N LYS A 390 3.51 19.47 -13.35
CA LYS A 390 3.07 19.96 -14.69
C LYS A 390 2.04 21.08 -14.52
N THR A 391 1.23 21.03 -13.45
CA THR A 391 0.14 22.02 -13.28
C THR A 391 0.58 23.19 -12.41
N PHE A 392 1.44 22.96 -11.41
CA PHE A 392 1.76 24.05 -10.48
C PHE A 392 3.24 24.42 -10.54
N SER A 393 3.53 25.71 -10.72
CA SER A 393 4.93 26.19 -10.72
C SER A 393 5.48 26.14 -9.28
N SER A 394 4.60 26.38 -8.30
CA SER A 394 5.03 26.36 -6.87
C SER A 394 3.84 26.09 -5.95
N TYR A 395 4.12 25.79 -4.67
CA TYR A 395 3.04 25.60 -3.66
C TYR A 395 3.60 26.01 -2.28
N THR A 396 2.72 26.48 -1.38
CA THR A 396 3.19 26.95 -0.06
C THR A 396 2.38 26.28 1.05
N PRO A 397 3.01 25.51 1.98
CA PRO A 397 2.27 24.92 3.10
C PRO A 397 1.66 25.99 4.01
N VAL A 398 0.37 25.84 4.35
CA VAL A 398 -0.31 26.80 5.26
C VAL A 398 0.34 26.71 6.65
N ASP A 399 0.51 25.48 7.17
CA ASP A 399 1.21 25.31 8.47
C ASP A 399 2.50 24.51 8.24
N PRO A 400 3.69 25.16 8.18
CA PRO A 400 4.94 24.45 7.92
C PRO A 400 5.36 23.63 9.14
N ASP A 401 4.74 23.92 10.29
CA ASP A 401 5.04 23.16 11.53
C ASP A 401 3.95 22.12 11.77
N GLU A 402 3.17 21.80 10.73
CA GLU A 402 2.13 20.74 10.85
C GLU A 402 2.81 19.43 11.27
N LYS A 403 2.15 18.66 12.11
CA LYS A 403 2.78 17.42 12.61
C LYS A 403 2.31 16.22 11.78
N ILE A 404 2.93 15.06 12.02
CA ILE A 404 2.52 13.79 11.33
C ILE A 404 2.03 12.82 12.41
N SER A 405 0.90 12.15 12.17
CA SER A 405 0.32 11.25 13.20
C SER A 405 -0.43 10.09 12.54
N GLY A 406 -0.85 9.11 13.34
CA GLY A 406 -1.62 7.96 12.82
C GLY A 406 -2.82 7.64 13.68
N ASP A 407 -3.94 7.30 13.07
CA ASP A 407 -5.17 6.95 13.84
C ASP A 407 -5.61 5.53 13.44
N PRO A 408 -4.93 4.47 13.90
CA PRO A 408 -3.64 4.60 14.58
C PRO A 408 -2.40 4.19 13.78
N LEU A 409 -2.58 3.44 12.69
CA LEU A 409 -1.42 2.87 11.95
C LEU A 409 -0.94 3.72 10.76
N PRO A 410 -1.83 4.21 9.87
CA PRO A 410 -1.37 5.00 8.71
C PRO A 410 -0.80 6.37 9.12
N PRO A 411 0.52 6.60 9.01
CA PRO A 411 1.11 7.90 9.31
C PRO A 411 0.66 8.91 8.24
N LEU A 412 0.07 10.04 8.67
CA LEU A 412 -0.49 11.01 7.70
C LEU A 412 -0.36 12.43 8.23
N PRO A 413 -0.43 13.47 7.36
CA PRO A 413 -0.41 14.86 7.83
C PRO A 413 -1.48 15.04 8.91
N SER A 414 -1.10 15.55 10.09
CA SER A 414 -2.08 15.65 11.21
C SER A 414 -3.28 16.52 10.83
N LYS A 415 -3.14 17.41 9.84
CA LYS A 415 -4.24 18.35 9.51
C LYS A 415 -4.59 18.26 8.01
N GLY A 416 -4.12 17.23 7.32
CA GLY A 416 -4.48 17.04 5.90
C GLY A 416 -3.53 17.76 4.95
N PHE A 417 -2.54 18.45 5.49
CA PHE A 417 -1.53 19.16 4.65
C PHE A 417 -2.22 20.18 3.72
N SER A 418 -2.75 21.25 4.31
CA SER A 418 -3.36 22.33 3.49
C SER A 418 -2.23 23.13 2.83
N ILE A 419 -2.36 23.44 1.55
CA ILE A 419 -1.25 24.14 0.82
C ILE A 419 -1.82 25.21 -0.11
N LYS A 420 -1.09 26.30 -0.31
CA LYS A 420 -1.52 27.35 -1.28
C LYS A 420 -1.04 26.90 -2.66
N LEU A 421 -1.89 27.06 -3.68
CA LEU A 421 -1.53 26.55 -5.03
C LEU A 421 -1.08 27.70 -5.93
N PHE A 422 -0.01 27.48 -6.70
CA PHE A 422 0.47 28.51 -7.66
C PHE A 422 0.46 27.89 -9.05
N PRO A 423 -0.65 28.01 -9.83
CA PRO A 423 -0.73 27.35 -11.13
C PRO A 423 0.27 27.95 -12.13
N ARG A 424 0.88 27.09 -12.95
CA ARG A 424 1.86 27.55 -13.97
C ARG A 424 1.17 28.51 -14.94
CA A1L3H B . -3.02 -4.30 7.59
CB A1L3H B . -1.92 -4.39 6.54
C1 A1L3H B . -5.98 -2.94 5.94
C2 A1L3H B . -4.58 -3.48 5.98
C5 A1L3H B . -5.19 -6.32 5.42
C6 A1L3H B . -3.92 -7.05 4.96
C4 A1L3H B . -5.10 -5.71 6.82
C7 A1L3H B . -4.28 -7.78 3.67
C8 A1L3H B . -4.06 -6.91 2.47
C9 A1L3H B . -2.59 -6.73 2.35
C10 A1L3H B . -1.94 -6.44 3.47
C15 A1L3H B . -2.85 -5.34 8.70
C16 A1L3H B . -3.01 -2.91 8.24
C18 A1L3H B . -3.51 -2.84 5.15
C19 A1L3H B . -0.52 -6.00 3.34
C20 A1L3H B . -3.51 -8.14 5.96
C A1L3H B . -4.28 -4.44 6.82
CG1 A1L3H B . -1.83 -5.80 5.90
CG2 A1L3H B . -2.06 -3.30 5.46
CD1 A1L3H B . -2.77 -6.03 4.69
H16 A1L3H B . -0.97 -4.21 7.05
H3 A1L3H B . -6.13 -2.41 5.05
H1 A1L3H B . -6.12 -2.29 6.78
H2 A1L3H B . -6.68 -3.74 6.00
H7 A1L3H B . -5.42 -5.54 4.70
H6 A1L3H B . -6.02 -7.03 5.40
H4 A1L3H B . -6.11 -5.48 7.17
H5 A1L3H B . -4.69 -6.43 7.52
H8 A1L3H B . -3.67 -8.69 3.58
H9 A1L3H B . -5.33 -8.09 3.71
H11 A1L3H B . -4.46 -7.38 1.57
H10 A1L3H B . -4.55 -5.94 2.60
H12 A1L3H B . -2.10 -7.14 1.58
H18 A1L3H B . -1.91 -5.21 9.15
H17 A1L3H B . -2.92 -6.30 8.30
H19 A1L3H B . -3.61 -5.20 9.42
H22 A1L3H B . -3.06 -2.17 7.50
H21 A1L3H B . -2.13 -2.80 8.81
H20 A1L3H B . -3.85 -2.82 8.88
H26 A1L3H B . -3.71 -3.04 4.09
H25 A1L3H B . -3.55 -1.76 5.29
H27 A1L3H B . -0.40 -5.02 3.72
H29 A1L3H B . -0.26 -5.99 2.31
H28 A1L3H B . 0.12 -6.66 3.85
H32 A1L3H B . -3.48 -7.77 6.92
H30 A1L3H B . -2.57 -8.52 5.68
H31 A1L3H B . -4.22 -8.93 5.92
H15 A1L3H B . -2.03 -6.54 6.67
H14 A1L3H B . -0.79 -5.96 5.60
H24 A1L3H B . -1.48 -2.43 5.77
H23 A1L3H B . -1.61 -3.66 4.53
H13 A1L3H B . -3.24 -5.09 4.42
CHA HEM C . 1.87 -7.18 1.21
CHB HEM C . -1.57 -5.71 -1.85
CHC HEM C . 0.01 -1.13 -1.35
CHD HEM C . 3.04 -2.57 2.13
C1A HEM C . 0.83 -7.16 0.31
C2A HEM C . 0.20 -8.30 -0.20
C3A HEM C . -0.76 -7.90 -1.05
C4A HEM C . -0.75 -6.49 -1.07
CMA HEM C . -1.69 -8.79 -1.84
CAA HEM C . 0.55 -9.72 0.13
CBA HEM C . -0.27 -10.20 1.32
CGA HEM C . 0.04 -11.65 1.56
O1A HEM C . 0.48 -12.02 2.67
O2A HEM C . -0.13 -12.50 0.65
C1B HEM C . -1.40 -4.33 -1.98
C2B HEM C . -2.14 -3.56 -2.91
C3B HEM C . -1.71 -2.26 -2.79
C4B HEM C . -0.66 -2.29 -1.75
CMB HEM C . -3.21 -4.08 -3.84
CAB HEM C . -2.15 -1.05 -3.51
CBB HEM C . -3.07 -1.03 -4.46
C1C HEM C . 0.97 -1.10 -0.35
C2C HEM C . 1.65 0.03 0.10
C3C HEM C . 2.52 -0.38 1.10
C4C HEM C . 2.33 -1.78 1.24
CMC HEM C . 1.46 1.43 -0.42
CAC HEM C . 3.48 0.41 1.92
CBC HEM C . 3.67 1.71 1.80
C1D HEM C . 2.95 -3.96 2.11
C2D HEM C . 3.84 -4.78 2.93
C3D HEM C . 3.52 -6.05 2.68
C4D HEM C . 2.43 -6.02 1.69
CMD HEM C . 4.90 -4.32 3.90
CAD HEM C . 4.17 -7.25 3.30
CBD HEM C . 3.83 -7.37 4.78
CGD HEM C . 4.53 -8.58 5.32
O1D HEM C . 5.52 -8.44 6.08
O2D HEM C . 4.16 -9.73 5.00
NA HEM C . 0.24 -6.04 -0.24
NB HEM C . -0.53 -3.55 -1.31
NC HEM C . 1.40 -2.20 0.34
ND HEM C . 2.14 -4.75 1.39
FE HEM C . 0.84 -4.19 0.16
HHB HEM C . -2.31 -6.21 -2.45
HHC HEM C . -0.25 -0.20 -1.83
HHD HEM C . 3.75 -2.11 2.78
HMA HEM C . -2.58 -8.98 -1.25
HMAA HEM C . -1.19 -9.73 -2.05
HMAB HEM C . -1.96 -8.30 -2.78
HAA HEM C . 1.61 -9.80 0.37
HAAA HEM C . 0.34 -10.36 -0.74
HBA HEM C . -1.33 -10.09 1.09
HBAA HEM C . -0.01 -9.61 2.19
HMB HEM C . -3.36 -5.15 -3.70
HMBA HEM C . -2.91 -3.89 -4.87
HMBB HEM C . -4.14 -3.56 -3.64
HAB HEM C . -1.67 -0.10 -3.26
HBB HEM C . -3.32 -0.08 -4.93
HBBA HEM C . -3.59 -1.92 -4.77
HMC HEM C . 0.68 1.45 -1.18
HMCA HEM C . 2.39 1.79 -0.87
HMCB HEM C . 1.18 2.09 0.39
HAC HEM C . 4.07 -0.11 2.66
HBC HEM C . 3.12 2.30 1.08
HBCA HEM C . 4.39 2.20 2.44
HMD HEM C . 5.09 -3.24 3.77
HMDA HEM C . 5.82 -4.86 3.73
HMDB HEM C . 4.57 -4.49 4.92
HAD HEM C . 3.85 -8.16 2.79
HADA HEM C . 5.25 -7.16 3.20
HBD HEM C . 4.16 -6.49 5.31
HBDA HEM C . 2.75 -7.49 4.89
HHA HEM C . 2.23 -8.14 1.56
#